data_8KD0
#
_entry.id   8KD0
#
_cell.length_a   43.879
_cell.length_b   43.879
_cell.length_c   328.555
_cell.angle_alpha   90.000
_cell.angle_beta   90.000
_cell.angle_gamma   120.000
#
_symmetry.space_group_name_H-M   'P 32 2 1'
#
loop_
_entity.id
_entity.type
_entity.pdbx_description
1 polymer 'Probable binding protein component of ABC sugar transporter'
2 non-polymer beta-D-galactopyranose
3 water water
#
_entity_poly.entity_id   1
_entity_poly.type   'polypeptide(L)'
_entity_poly.pdbx_seq_one_letter_code
;MGSSHHHHHHSSGLVPRGSHMAPKAEVLHWWTGGGEAKALKVLQDEFAAQNGVWLDMPVSGGGGDAAMQTLKARIVANDA
PAAAQIKGPTIQEYDEEGVVAPYNIDAVAKKEGWDNLLSKQVASHMKCDDGKAYCAAPVNIHRIDWIWANKKVLDSNGIK
MPSTWAEFNAAADKLQANGIIPLAHGSQPWQDATVFEAVALGVGGNDFYRKAFVDLDAATLGGSTMTKVFDQMRKLKGYT
DAGSPGRDWNVATGMVMEGKAAFQIMGDWAKGEFAANNMAPGKDYICAPTPSNNGYLYNVDSFIFYKVKGKDKVEGQKLL
ASLMMGKNFQKVFNIYKGSIPARLDVSMDEFDMCAKKSNADLKTAGSKGGLLPSFAHGMALRLAQKGAIQDVVTEHFNSN
MSSSDAAKKLAAAVKASL
;
_entity_poly.pdbx_strand_id   A
#
# COMPACT_ATOMS: atom_id res chain seq x y z
N ALA A 22 12.01 -4.43 -31.98
CA ALA A 22 10.75 -4.15 -31.23
C ALA A 22 11.01 -4.13 -29.72
N PRO A 23 10.71 -3.02 -29.02
CA PRO A 23 10.88 -2.95 -27.57
C PRO A 23 10.10 -4.07 -26.87
N LYS A 24 10.77 -4.76 -25.93
CA LYS A 24 10.21 -5.90 -25.20
C LYS A 24 10.47 -5.73 -23.70
N ALA A 25 9.54 -6.21 -22.86
CA ALA A 25 9.79 -6.25 -21.42
C ALA A 25 8.95 -7.34 -20.75
N GLU A 26 9.63 -8.21 -19.99
CA GLU A 26 8.97 -9.06 -18.99
C GLU A 26 8.64 -8.19 -17.77
N VAL A 27 7.39 -8.23 -17.30
CA VAL A 27 6.97 -7.39 -16.19
C VAL A 27 6.37 -8.28 -15.10
N LEU A 28 7.00 -8.25 -13.92
CA LEU A 28 6.55 -9.02 -12.78
C LEU A 28 5.79 -8.09 -11.84
N HIS A 29 4.57 -8.50 -11.45
CA HIS A 29 3.68 -7.68 -10.67
C HIS A 29 2.68 -8.57 -9.96
N TRP A 30 1.86 -7.98 -9.08
CA TRP A 30 0.82 -8.73 -8.40
C TRP A 30 -0.56 -8.15 -8.65
N TRP A 31 -0.76 -7.51 -9.80
CA TRP A 31 -2.02 -6.87 -10.15
C TRP A 31 -2.77 -7.82 -11.09
N THR A 32 -3.46 -8.80 -10.50
CA THR A 32 -3.95 -9.93 -11.29
C THR A 32 -5.47 -9.91 -11.49
N GLY A 33 -6.21 -9.01 -10.83
CA GLY A 33 -7.65 -8.94 -11.03
C GLY A 33 -8.27 -7.61 -10.63
N GLY A 34 -9.54 -7.42 -10.99
CA GLY A 34 -10.31 -6.32 -10.46
C GLY A 34 -9.79 -4.94 -10.89
N GLY A 35 -9.89 -3.97 -9.99
CA GLY A 35 -9.45 -2.60 -10.23
C GLY A 35 -7.94 -2.52 -10.49
N GLU A 36 -7.18 -3.44 -9.88
CA GLU A 36 -5.75 -3.52 -10.14
C GLU A 36 -5.48 -3.80 -11.62
N ALA A 37 -6.12 -4.86 -12.15
CA ALA A 37 -5.94 -5.24 -13.55
C ALA A 37 -6.47 -4.17 -14.49
N LYS A 38 -7.57 -3.51 -14.13
CA LYS A 38 -8.14 -2.47 -14.98
C LYS A 38 -7.15 -1.30 -15.11
N ALA A 39 -6.50 -0.91 -14.01
CA ALA A 39 -5.51 0.16 -14.05
C ALA A 39 -4.27 -0.27 -14.82
N LEU A 40 -3.83 -1.50 -14.60
CA LEU A 40 -2.63 -1.98 -15.29
C LEU A 40 -2.86 -2.01 -16.80
N LYS A 41 -4.09 -2.34 -17.19
CA LYS A 41 -4.45 -2.38 -18.61
C LYS A 41 -4.15 -1.04 -19.29
N VAL A 42 -4.30 0.08 -18.60
CA VAL A 42 -3.98 1.36 -19.22
C VAL A 42 -2.51 1.37 -19.64
N LEU A 43 -1.62 0.85 -18.77
CA LEU A 43 -0.19 0.84 -19.05
C LEU A 43 0.14 -0.18 -20.16
N GLN A 44 -0.39 -1.40 -20.03
CA GLN A 44 -0.24 -2.41 -21.06
C GLN A 44 -0.73 -1.92 -22.44
N ASP A 45 -1.85 -1.17 -22.50
CA ASP A 45 -2.37 -0.67 -23.78
C ASP A 45 -1.48 0.44 -24.35
N GLU A 46 -0.98 1.35 -23.48
CA GLU A 46 -0.10 2.41 -23.93
C GLU A 46 1.21 1.83 -24.48
N PHE A 47 1.70 0.74 -23.86
CA PHE A 47 2.97 0.13 -24.24
C PHE A 47 2.86 -0.54 -25.61
N ALA A 48 1.73 -1.23 -25.86
CA ALA A 48 1.55 -1.92 -27.12
C ALA A 48 1.35 -0.92 -28.27
N ALA A 49 0.76 0.24 -27.95
CA ALA A 49 0.53 1.30 -28.92
C ALA A 49 1.88 1.85 -29.38
N GLN A 50 2.91 1.71 -28.52
CA GLN A 50 4.26 2.12 -28.89
C GLN A 50 5.05 0.92 -29.42
N ASN A 51 4.31 -0.09 -29.92
CA ASN A 51 4.85 -1.32 -30.51
CA ASN A 51 4.94 -1.25 -30.55
C ASN A 51 5.72 -2.05 -29.48
N GLY A 52 5.38 -1.87 -28.20
CA GLY A 52 6.07 -2.60 -27.17
C GLY A 52 5.47 -4.01 -27.01
N VAL A 53 6.33 -5.00 -26.72
CA VAL A 53 5.91 -6.38 -26.50
C VAL A 53 5.97 -6.72 -25.00
N TRP A 54 4.79 -6.83 -24.37
CA TRP A 54 4.68 -7.07 -22.93
C TRP A 54 4.67 -8.57 -22.64
N LEU A 55 5.70 -9.10 -21.94
CA LEU A 55 5.62 -10.47 -21.43
C LEU A 55 5.17 -10.43 -19.98
N ASP A 56 3.94 -10.90 -19.73
CA ASP A 56 3.31 -10.75 -18.43
C ASP A 56 3.91 -11.75 -17.46
N MET A 57 4.25 -11.32 -16.24
CA MET A 57 4.70 -12.25 -15.22
C MET A 57 3.95 -11.95 -13.92
N PRO A 58 2.61 -12.20 -13.88
CA PRO A 58 1.80 -11.99 -12.68
C PRO A 58 2.14 -12.97 -11.55
N VAL A 59 2.22 -12.49 -10.30
CA VAL A 59 2.34 -13.38 -9.16
C VAL A 59 1.27 -12.98 -8.13
N SER A 60 0.15 -13.73 -8.12
CA SER A 60 -0.96 -13.49 -7.22
C SER A 60 -0.52 -13.44 -5.76
N GLY A 61 -1.00 -12.44 -5.02
CA GLY A 61 -0.78 -12.42 -3.57
C GLY A 61 -0.85 -10.99 -3.06
N GLY A 62 -1.86 -10.71 -2.24
CA GLY A 62 -2.06 -9.38 -1.74
C GLY A 62 -0.83 -8.88 -1.00
N GLY A 63 -0.49 -7.62 -1.25
CA GLY A 63 0.63 -6.98 -0.57
C GLY A 63 2.00 -7.32 -1.16
N GLY A 64 2.06 -8.29 -2.10
CA GLY A 64 3.26 -8.59 -2.85
C GLY A 64 4.25 -9.52 -2.17
N ASP A 65 3.93 -10.11 -1.00
CA ASP A 65 4.91 -10.99 -0.38
C ASP A 65 5.19 -12.20 -1.27
N ALA A 66 4.17 -12.70 -1.97
CA ALA A 66 4.38 -13.83 -2.89
C ALA A 66 5.25 -13.41 -4.08
N ALA A 67 4.92 -12.27 -4.68
CA ALA A 67 5.73 -11.70 -5.75
C ALA A 67 7.18 -11.54 -5.31
N MET A 68 7.44 -11.08 -4.06
CA MET A 68 8.81 -10.84 -3.62
C MET A 68 9.58 -12.15 -3.52
N GLN A 69 8.89 -13.25 -3.18
CA GLN A 69 9.55 -14.55 -3.15
C GLN A 69 9.88 -15.03 -4.57
N THR A 70 8.94 -14.92 -5.52
CA THR A 70 9.21 -15.32 -6.89
C THR A 70 10.31 -14.45 -7.52
N LEU A 71 10.32 -13.16 -7.20
CA LEU A 71 11.28 -12.25 -7.76
C LEU A 71 12.69 -12.65 -7.30
N LYS A 72 12.82 -12.83 -5.98
CA LYS A 72 14.09 -13.14 -5.35
C LYS A 72 14.69 -14.40 -5.98
N ALA A 73 13.85 -15.41 -6.22
CA ALA A 73 14.31 -16.67 -6.79
C ALA A 73 14.69 -16.49 -8.28
N ARG A 74 14.03 -15.57 -8.98
CA ARG A 74 14.32 -15.35 -10.40
C ARG A 74 15.69 -14.68 -10.55
N ILE A 75 16.00 -13.76 -9.63
CA ILE A 75 17.28 -13.06 -9.60
C ILE A 75 18.40 -14.02 -9.19
N VAL A 76 18.24 -14.76 -8.09
CA VAL A 76 19.28 -15.67 -7.66
C VAL A 76 19.57 -16.69 -8.76
N ALA A 77 18.60 -16.94 -9.64
CA ALA A 77 18.78 -17.82 -10.80
C ALA A 77 19.29 -17.09 -12.04
N ASN A 78 19.68 -15.81 -11.95
CA ASN A 78 20.13 -15.06 -13.12
C ASN A 78 19.09 -15.05 -14.24
N ASP A 79 17.82 -14.88 -13.88
CA ASP A 79 16.74 -14.78 -14.84
C ASP A 79 15.88 -13.58 -14.42
N ALA A 80 16.57 -12.46 -14.15
CA ALA A 80 15.90 -11.22 -13.79
C ALA A 80 14.90 -10.86 -14.88
N PRO A 81 13.65 -10.46 -14.53
CA PRO A 81 12.76 -9.84 -15.52
C PRO A 81 13.28 -8.44 -15.83
N ALA A 82 12.78 -7.90 -16.95
CA ALA A 82 13.10 -6.54 -17.38
C ALA A 82 12.60 -5.50 -16.38
N ALA A 83 11.40 -5.75 -15.79
CA ALA A 83 10.80 -4.83 -14.83
C ALA A 83 10.07 -5.60 -13.74
N ALA A 84 10.10 -5.10 -12.49
CA ALA A 84 9.37 -5.73 -11.39
C ALA A 84 8.78 -4.68 -10.46
N GLN A 85 7.52 -4.93 -10.05
CA GLN A 85 6.87 -4.17 -9.01
C GLN A 85 7.63 -4.36 -7.72
N ILE A 86 7.89 -3.27 -7.01
CA ILE A 86 8.81 -3.29 -5.89
C ILE A 86 8.60 -2.02 -5.08
N LYS A 87 9.05 -2.05 -3.81
CA LYS A 87 8.76 -0.99 -2.87
C LYS A 87 10.05 -0.49 -2.23
N GLY A 88 10.20 0.83 -2.25
CA GLY A 88 11.06 1.54 -1.32
C GLY A 88 12.43 0.87 -1.11
N PRO A 89 12.80 0.57 0.14
CA PRO A 89 14.14 0.11 0.43
C PRO A 89 14.53 -1.21 -0.21
N THR A 90 13.56 -1.94 -0.77
CA THR A 90 13.86 -3.16 -1.50
C THR A 90 14.62 -2.81 -2.79
N ILE A 91 14.33 -1.64 -3.35
CA ILE A 91 15.06 -1.14 -4.51
C ILE A 91 16.56 -1.07 -4.18
N GLN A 92 16.90 -0.41 -3.07
CA GLN A 92 18.31 -0.19 -2.75
C GLN A 92 18.94 -1.52 -2.33
N GLU A 93 18.14 -2.44 -1.77
CA GLU A 93 18.66 -3.74 -1.35
C GLU A 93 19.12 -4.53 -2.58
N TYR A 94 18.31 -4.55 -3.63
CA TYR A 94 18.73 -5.16 -4.89
C TYR A 94 19.93 -4.43 -5.50
N ASP A 95 19.93 -3.10 -5.46
CA ASP A 95 21.03 -2.34 -6.01
C ASP A 95 22.34 -2.79 -5.37
N GLU A 96 22.33 -2.98 -4.05
CA GLU A 96 23.53 -3.34 -3.31
C GLU A 96 24.01 -4.74 -3.71
N GLU A 97 23.08 -5.61 -4.13
CA GLU A 97 23.41 -6.88 -4.78
C GLU A 97 24.23 -6.70 -6.06
N GLY A 98 24.13 -5.57 -6.74
CA GLY A 98 24.83 -5.32 -8.00
C GLY A 98 24.09 -5.84 -9.23
N VAL A 99 22.76 -6.08 -9.12
CA VAL A 99 21.99 -6.68 -10.21
C VAL A 99 21.20 -5.63 -10.99
N VAL A 100 21.39 -4.34 -10.70
CA VAL A 100 20.53 -3.31 -11.29
C VAL A 100 21.26 -2.52 -12.38
N ALA A 101 22.45 -1.99 -12.06
CA ALA A 101 23.25 -1.20 -12.97
C ALA A 101 23.54 -2.04 -14.22
N PRO A 102 23.72 -1.43 -15.41
CA PRO A 102 23.72 0.03 -15.55
C PRO A 102 22.31 0.61 -15.50
N TYR A 103 22.24 1.90 -15.15
CA TYR A 103 20.97 2.57 -14.91
C TYR A 103 20.48 3.21 -16.20
N ASN A 104 20.02 2.38 -17.13
CA ASN A 104 19.63 2.86 -18.44
C ASN A 104 18.43 3.81 -18.39
N ILE A 105 17.60 3.71 -17.35
CA ILE A 105 16.42 4.56 -17.32
C ILE A 105 16.78 5.91 -16.71
N ASP A 106 17.98 6.07 -16.14
CA ASP A 106 18.34 7.35 -15.53
C ASP A 106 18.42 8.43 -16.60
N ALA A 107 18.86 8.06 -17.81
CA ALA A 107 18.90 8.97 -18.95
C ALA A 107 17.51 9.48 -19.32
N VAL A 108 16.48 8.63 -19.21
CA VAL A 108 15.11 9.05 -19.41
C VAL A 108 14.72 10.06 -18.32
N ALA A 109 14.99 9.68 -17.08
CA ALA A 109 14.62 10.51 -15.93
C ALA A 109 15.23 11.91 -16.06
N LYS A 110 16.49 11.98 -16.47
CA LYS A 110 17.18 13.27 -16.60
C LYS A 110 16.57 14.12 -17.71
N LYS A 111 16.34 13.51 -18.87
CA LYS A 111 15.82 14.25 -20.02
C LYS A 111 14.44 14.82 -19.67
N GLU A 112 13.63 14.02 -18.95
CA GLU A 112 12.26 14.40 -18.64
C GLU A 112 12.18 15.24 -17.37
N GLY A 113 13.29 15.41 -16.65
CA GLY A 113 13.35 16.17 -15.39
C GLY A 113 12.44 15.60 -14.29
N TRP A 114 12.56 14.30 -14.02
CA TRP A 114 11.77 13.65 -12.98
C TRP A 114 12.01 14.33 -11.63
N ASP A 115 13.23 14.85 -11.40
CA ASP A 115 13.58 15.52 -10.17
C ASP A 115 12.67 16.71 -9.87
N ASN A 116 12.08 17.34 -10.89
CA ASN A 116 11.17 18.44 -10.60
C ASN A 116 9.69 18.03 -10.71
N LEU A 117 9.42 16.74 -11.00
CA LEU A 117 8.06 16.23 -11.15
C LEU A 117 7.67 15.32 -9.98
N LEU A 118 8.58 15.04 -9.06
CA LEU A 118 8.35 14.17 -7.91
C LEU A 118 8.81 14.87 -6.65
N SER A 119 8.20 14.48 -5.51
CA SER A 119 8.59 14.98 -4.21
C SER A 119 10.00 14.47 -3.90
N LYS A 120 10.73 15.21 -3.07
CA LYS A 120 12.07 14.79 -2.69
C LYS A 120 12.01 13.35 -2.18
N GLN A 121 10.98 13.03 -1.40
CA GLN A 121 10.91 11.76 -0.72
C GLN A 121 10.66 10.62 -1.73
N VAL A 122 9.73 10.81 -2.65
CA VAL A 122 9.45 9.81 -3.69
C VAL A 122 10.67 9.62 -4.58
N ALA A 123 11.25 10.73 -5.05
CA ALA A 123 12.48 10.72 -5.84
C ALA A 123 13.57 9.87 -5.18
N SER A 124 13.82 10.08 -3.89
CA SER A 124 14.86 9.37 -3.16
C SER A 124 14.60 7.87 -3.15
N HIS A 125 13.32 7.49 -3.08
CA HIS A 125 12.96 6.07 -3.05
C HIS A 125 13.35 5.41 -4.38
N MET A 126 13.36 6.19 -5.45
CA MET A 126 13.46 5.63 -6.80
C MET A 126 14.93 5.52 -7.25
N LYS A 127 15.90 5.85 -6.37
CA LYS A 127 17.29 5.98 -6.79
C LYS A 127 18.20 4.86 -6.30
N CYS A 128 19.18 4.58 -7.15
CA CYS A 128 20.24 3.64 -6.93
C CYS A 128 21.56 4.40 -6.83
N ASP A 129 22.66 3.66 -6.65
CA ASP A 129 24.00 4.22 -6.61
C ASP A 129 24.08 5.34 -5.58
N ASP A 130 23.71 4.99 -4.33
CA ASP A 130 23.72 5.94 -3.23
C ASP A 130 23.05 7.26 -3.63
N GLY A 131 21.86 7.17 -4.24
CA GLY A 131 21.05 8.35 -4.47
C GLY A 131 21.41 9.11 -5.74
N LYS A 132 22.15 8.49 -6.66
CA LYS A 132 22.71 9.24 -7.77
C LYS A 132 21.98 8.98 -9.09
N ALA A 133 21.32 7.83 -9.24
CA ALA A 133 20.73 7.50 -10.52
C ALA A 133 19.34 6.93 -10.28
N TYR A 134 18.34 7.41 -11.04
CA TYR A 134 17.04 6.75 -11.06
C TYR A 134 17.19 5.32 -11.59
N CYS A 135 16.56 4.36 -10.90
CA CYS A 135 16.56 2.98 -11.34
C CYS A 135 15.17 2.37 -11.24
N ALA A 136 14.20 3.14 -10.76
CA ALA A 136 12.82 2.71 -10.71
C ALA A 136 11.89 3.89 -11.04
N ALA A 137 10.72 3.56 -11.59
CA ALA A 137 9.71 4.53 -12.00
C ALA A 137 8.48 4.37 -11.10
N PRO A 138 7.99 5.46 -10.45
CA PRO A 138 6.77 5.40 -9.63
C PRO A 138 5.54 5.69 -10.48
N VAL A 139 4.44 5.03 -10.16
CA VAL A 139 3.20 5.25 -10.87
C VAL A 139 2.15 5.95 -10.02
N ASN A 140 2.32 6.00 -8.69
CA ASN A 140 1.23 6.43 -7.83
C ASN A 140 1.68 6.67 -6.40
N ILE A 141 0.72 7.14 -5.59
CA ILE A 141 0.81 7.11 -4.15
C ILE A 141 -0.49 6.56 -3.61
N HIS A 142 -0.40 5.36 -3.03
CA HIS A 142 -1.52 4.81 -2.26
C HIS A 142 -1.44 5.31 -0.82
N ARG A 143 -2.63 5.39 -0.20
CA ARG A 143 -2.76 5.72 1.21
C ARG A 143 -3.31 4.51 1.96
N ILE A 144 -2.69 4.17 3.10
CA ILE A 144 -3.09 3.00 3.88
C ILE A 144 -4.24 3.31 4.85
N ASP A 145 -4.23 4.49 5.47
CA ASP A 145 -5.03 4.80 6.66
C ASP A 145 -6.45 5.24 6.28
N TRP A 146 -7.21 4.29 5.76
CA TRP A 146 -8.59 4.45 5.32
C TRP A 146 -9.53 3.45 5.99
N ILE A 147 -10.74 3.97 6.28
CA ILE A 147 -11.93 3.17 6.51
C ILE A 147 -12.93 3.39 5.40
N TRP A 148 -13.43 2.24 4.86
CA TRP A 148 -14.49 2.16 3.86
C TRP A 148 -15.75 1.63 4.54
N ALA A 149 -16.90 2.27 4.27
CA ALA A 149 -18.12 1.81 4.92
C ALA A 149 -19.25 1.74 3.91
N ASN A 150 -20.10 0.72 4.07
CA ASN A 150 -21.30 0.59 3.26
C ASN A 150 -22.33 1.59 3.79
N LYS A 151 -22.77 2.49 2.89
CA LYS A 151 -23.55 3.64 3.33
C LYS A 151 -24.97 3.24 3.76
N LYS A 152 -25.61 2.31 3.04
CA LYS A 152 -26.96 1.87 3.39
C LYS A 152 -26.94 1.18 4.75
N VAL A 153 -25.82 0.51 5.08
CA VAL A 153 -25.73 -0.20 6.36
C VAL A 153 -25.65 0.82 7.49
N LEU A 154 -24.73 1.81 7.39
CA LEU A 154 -24.60 2.80 8.46
C LEU A 154 -25.88 3.61 8.62
N ASP A 155 -26.52 3.96 7.50
CA ASP A 155 -27.78 4.71 7.54
C ASP A 155 -28.89 3.88 8.20
N SER A 156 -29.04 2.61 7.77
CA SER A 156 -30.02 1.68 8.33
C SER A 156 -29.89 1.48 9.83
N ASN A 157 -28.68 1.65 10.39
CA ASN A 157 -28.44 1.39 11.80
C ASN A 157 -28.27 2.70 12.56
N GLY A 158 -28.54 3.81 11.86
CA GLY A 158 -28.44 5.14 12.45
C GLY A 158 -27.05 5.43 13.01
N ILE A 159 -26.00 5.06 12.27
CA ILE A 159 -24.62 5.21 12.67
C ILE A 159 -23.93 6.29 11.82
N LYS A 160 -23.22 7.21 12.48
CA LYS A 160 -22.39 8.20 11.81
C LYS A 160 -20.99 7.60 11.63
N MET A 161 -20.37 7.92 10.49
CA MET A 161 -19.05 7.45 10.19
CA MET A 161 -19.03 7.46 10.19
C MET A 161 -18.13 7.81 11.35
N PRO A 162 -17.45 6.85 12.01
CA PRO A 162 -16.64 7.17 13.18
C PRO A 162 -15.37 7.95 12.86
N SER A 163 -14.88 8.74 13.84
CA SER A 163 -13.69 9.54 13.67
CA SER A 163 -13.69 9.54 13.67
C SER A 163 -12.64 9.17 14.71
N THR A 164 -13.03 8.29 15.66
CA THR A 164 -12.16 7.84 16.74
C THR A 164 -12.36 6.34 16.92
N TRP A 165 -11.40 5.68 17.55
CA TRP A 165 -11.55 4.25 17.80
C TRP A 165 -12.71 4.00 18.77
N ALA A 166 -12.98 4.95 19.67
CA ALA A 166 -14.08 4.78 20.61
C ALA A 166 -15.42 4.84 19.89
N GLU A 167 -15.57 5.77 18.94
CA GLU A 167 -16.74 5.81 18.08
C GLU A 167 -16.83 4.56 17.19
N PHE A 168 -15.68 4.06 16.73
CA PHE A 168 -15.68 2.87 15.89
C PHE A 168 -16.14 1.65 16.71
N ASN A 169 -15.59 1.50 17.91
CA ASN A 169 -15.94 0.33 18.73
C ASN A 169 -17.41 0.38 19.14
N ALA A 170 -17.92 1.57 19.50
CA ALA A 170 -19.34 1.73 19.83
C ALA A 170 -20.19 1.35 18.62
N ALA A 171 -19.82 1.83 17.42
CA ALA A 171 -20.55 1.51 16.21
C ALA A 171 -20.50 0.01 15.94
N ALA A 172 -19.33 -0.60 16.10
CA ALA A 172 -19.16 -2.03 15.83
C ALA A 172 -20.03 -2.86 16.77
N ASP A 173 -20.12 -2.47 18.04
CA ASP A 173 -20.95 -3.19 19.00
C ASP A 173 -22.40 -3.10 18.54
N LYS A 174 -22.80 -1.91 18.09
CA LYS A 174 -24.17 -1.70 17.69
C LYS A 174 -24.50 -2.60 16.49
N LEU A 175 -23.61 -2.63 15.49
CA LEU A 175 -23.81 -3.45 14.30
C LEU A 175 -23.84 -4.95 14.63
N GLN A 176 -22.89 -5.38 15.46
CA GLN A 176 -22.84 -6.77 15.92
C GLN A 176 -24.13 -7.19 16.63
N ALA A 177 -24.67 -6.31 17.47
CA ALA A 177 -25.89 -6.63 18.19
C ALA A 177 -27.09 -6.68 17.25
N ASN A 178 -26.97 -6.02 16.08
CA ASN A 178 -28.01 -6.04 15.08
C ASN A 178 -27.74 -7.12 14.04
N GLY A 179 -26.83 -8.03 14.35
CA GLY A 179 -26.60 -9.20 13.52
C GLY A 179 -25.79 -8.93 12.24
N ILE A 180 -25.03 -7.84 12.20
CA ILE A 180 -24.21 -7.49 11.03
C ILE A 180 -22.74 -7.67 11.40
N ILE A 181 -21.93 -8.29 10.51
CA ILE A 181 -20.49 -8.34 10.68
C ILE A 181 -19.95 -6.92 10.66
N PRO A 182 -19.39 -6.36 11.75
CA PRO A 182 -18.92 -4.98 11.67
C PRO A 182 -17.74 -4.78 10.73
N LEU A 183 -16.73 -5.64 10.81
CA LEU A 183 -15.49 -5.44 10.10
C LEU A 183 -15.21 -6.61 9.16
N ALA A 184 -15.24 -6.33 7.86
CA ALA A 184 -14.78 -7.28 6.86
C ALA A 184 -13.25 -7.21 6.76
N HIS A 185 -12.63 -8.37 6.93
CA HIS A 185 -11.19 -8.43 7.04
C HIS A 185 -10.77 -9.81 6.57
N GLY A 186 -9.59 -9.87 5.96
CA GLY A 186 -8.92 -11.14 5.77
C GLY A 186 -7.65 -11.25 6.60
N SER A 187 -7.53 -12.35 7.34
CA SER A 187 -6.35 -12.51 8.20
C SER A 187 -5.28 -13.30 7.44
N GLN A 188 -4.38 -12.52 6.87
CA GLN A 188 -3.12 -12.93 6.27
C GLN A 188 -2.10 -11.98 6.89
N PRO A 189 -0.81 -12.36 7.02
CA PRO A 189 0.13 -11.54 7.76
C PRO A 189 0.23 -10.08 7.33
N TRP A 190 0.33 -9.81 6.02
CA TRP A 190 0.44 -8.45 5.53
C TRP A 190 -0.85 -7.67 5.80
N GLN A 191 -1.99 -8.35 5.75
CA GLN A 191 -3.30 -7.73 5.85
C GLN A 191 -3.59 -7.34 7.31
N ASP A 192 -3.26 -8.22 8.26
CA ASP A 192 -3.25 -7.88 9.67
C ASP A 192 -2.32 -6.69 9.94
N ALA A 193 -1.11 -6.69 9.35
CA ALA A 193 -0.16 -5.59 9.53
C ALA A 193 -0.67 -4.26 8.97
N THR A 194 -1.46 -4.32 7.87
CA THR A 194 -2.05 -3.15 7.27
C THR A 194 -3.00 -2.45 8.24
N VAL A 195 -3.86 -3.23 8.89
CA VAL A 195 -4.76 -2.67 9.89
C VAL A 195 -3.94 -2.15 11.07
N PHE A 196 -3.00 -2.96 11.52
CA PHE A 196 -2.15 -2.60 12.65
C PHE A 196 -1.47 -1.24 12.46
N GLU A 197 -0.86 -1.01 11.28
CA GLU A 197 -0.11 0.23 11.12
C GLU A 197 -1.05 1.42 11.16
N ALA A 198 -2.24 1.28 10.56
CA ALA A 198 -3.22 2.35 10.61
C ALA A 198 -3.65 2.62 12.06
N VAL A 199 -3.84 1.55 12.83
CA VAL A 199 -4.23 1.65 14.23
C VAL A 199 -3.14 2.38 15.01
N ALA A 200 -1.90 1.94 14.81
CA ALA A 200 -0.76 2.52 15.53
C ALA A 200 -0.69 4.05 15.35
N LEU A 201 -0.89 4.52 14.12
CA LEU A 201 -0.82 5.93 13.81
C LEU A 201 -1.84 6.74 14.62
N GLY A 202 -3.04 6.19 14.83
CA GLY A 202 -4.07 6.88 15.57
C GLY A 202 -3.98 6.68 17.09
N VAL A 203 -3.69 5.46 17.54
CA VAL A 203 -3.58 5.22 18.98
C VAL A 203 -2.36 5.95 19.56
N GLY A 204 -1.24 5.95 18.83
CA GLY A 204 0.03 6.43 19.36
C GLY A 204 0.40 7.83 18.88
N GLY A 205 0.04 8.13 17.63
CA GLY A 205 0.35 9.40 17.01
C GLY A 205 1.57 9.33 16.10
N ASN A 206 1.92 10.49 15.54
CA ASN A 206 2.84 10.56 14.42
C ASN A 206 4.24 10.22 14.90
N ASP A 207 4.65 10.85 16.01
CA ASP A 207 5.99 10.65 16.53
C ASP A 207 6.15 9.21 16.97
N PHE A 208 5.10 8.65 17.58
CA PHE A 208 5.13 7.26 17.97
C PHE A 208 5.35 6.38 16.74
N TYR A 209 4.55 6.61 15.72
CA TYR A 209 4.66 5.80 14.50
C TYR A 209 6.07 5.94 13.94
N ARG A 210 6.56 7.18 13.87
CA ARG A 210 7.88 7.40 13.32
C ARG A 210 8.93 6.66 14.16
N LYS A 211 8.84 6.81 15.50
CA LYS A 211 9.80 6.18 16.39
C LYS A 211 9.80 4.67 16.22
N ALA A 212 8.59 4.07 16.12
CA ALA A 212 8.48 2.61 16.10
C ALA A 212 8.94 2.01 14.78
N PHE A 213 8.40 2.52 13.67
CA PHE A 213 8.49 1.85 12.36
C PHE A 213 9.51 2.49 11.41
N VAL A 214 9.92 3.74 11.68
CA VAL A 214 10.97 4.41 10.91
C VAL A 214 12.29 4.27 11.66
N ASP A 215 12.33 4.72 12.93
CA ASP A 215 13.52 4.63 13.76
C ASP A 215 13.74 3.24 14.37
N LEU A 216 12.69 2.40 14.49
CA LEU A 216 12.80 1.12 15.18
C LEU A 216 13.30 1.29 16.60
N ASP A 217 12.75 2.27 17.30
CA ASP A 217 13.16 2.54 18.67
C ASP A 217 12.63 1.42 19.58
N ALA A 218 13.56 0.76 20.27
CA ALA A 218 13.28 -0.43 21.08
C ALA A 218 12.27 -0.09 22.17
N ALA A 219 12.40 1.09 22.80
CA ALA A 219 11.54 1.47 23.90
C ALA A 219 10.11 1.68 23.41
N THR A 220 9.98 2.32 22.26
CA THR A 220 8.69 2.64 21.69
C THR A 220 7.99 1.36 21.24
N LEU A 221 8.75 0.43 20.65
CA LEU A 221 8.20 -0.82 20.14
C LEU A 221 7.63 -1.65 21.29
N GLY A 222 8.33 -1.70 22.42
CA GLY A 222 8.01 -2.62 23.50
C GLY A 222 7.22 -1.96 24.62
N GLY A 223 6.79 -0.69 24.47
CA GLY A 223 6.30 0.07 25.61
C GLY A 223 4.78 0.14 25.74
N SER A 224 4.32 1.01 26.63
CA SER A 224 2.92 1.04 27.02
C SER A 224 2.02 1.59 25.90
N THR A 225 2.54 2.48 25.04
CA THR A 225 1.71 2.98 23.95
C THR A 225 1.47 1.87 22.92
N MET A 226 2.50 1.05 22.66
CA MET A 226 2.36 -0.08 21.77
C MET A 226 1.35 -1.08 22.34
N THR A 227 1.45 -1.38 23.64
CA THR A 227 0.45 -2.20 24.33
C THR A 227 -0.95 -1.73 23.97
N LYS A 228 -1.17 -0.42 23.98
CA LYS A 228 -2.50 0.10 23.69
C LYS A 228 -2.91 -0.15 22.23
N VAL A 229 -1.91 -0.19 21.33
CA VAL A 229 -2.17 -0.53 19.92
C VAL A 229 -2.72 -1.96 19.86
N PHE A 230 -2.03 -2.91 20.51
CA PHE A 230 -2.48 -4.28 20.54
C PHE A 230 -3.85 -4.41 21.23
N ASP A 231 -4.15 -3.54 22.23
CA ASP A 231 -5.46 -3.56 22.87
C ASP A 231 -6.55 -3.32 21.82
N GLN A 232 -6.32 -2.35 20.92
CA GLN A 232 -7.31 -2.03 19.92
C GLN A 232 -7.37 -3.15 18.86
N MET A 233 -6.24 -3.78 18.55
CA MET A 233 -6.21 -4.93 17.64
C MET A 233 -7.07 -6.05 18.20
N ARG A 234 -6.99 -6.29 19.52
CA ARG A 234 -7.81 -7.32 20.16
C ARG A 234 -9.29 -6.99 19.98
N LYS A 235 -9.68 -5.72 20.13
CA LYS A 235 -11.07 -5.33 19.88
C LYS A 235 -11.44 -5.64 18.45
N LEU A 236 -10.59 -5.21 17.48
CA LEU A 236 -10.93 -5.38 16.07
C LEU A 236 -11.10 -6.85 15.73
N LYS A 237 -10.32 -7.72 16.34
CA LYS A 237 -10.44 -9.15 16.06
CA LYS A 237 -10.44 -9.15 16.06
C LYS A 237 -11.86 -9.65 16.36
N GLY A 238 -12.44 -9.22 17.49
CA GLY A 238 -13.78 -9.65 17.86
C GLY A 238 -14.87 -9.17 16.92
N TYR A 239 -14.56 -8.21 16.02
CA TYR A 239 -15.52 -7.65 15.09
C TYR A 239 -15.45 -8.32 13.71
N THR A 240 -14.55 -9.28 13.55
CA THR A 240 -14.39 -10.00 12.30
C THR A 240 -15.19 -11.30 12.37
N ASP A 241 -15.25 -12.04 11.26
CA ASP A 241 -16.11 -13.19 11.16
C ASP A 241 -15.31 -14.47 10.97
N ALA A 242 -16.01 -15.60 11.10
CA ALA A 242 -15.42 -16.92 11.14
C ALA A 242 -14.71 -17.22 9.81
N GLY A 243 -15.09 -16.60 8.69
CA GLY A 243 -14.44 -16.84 7.39
C GLY A 243 -13.15 -16.05 7.14
N SER A 244 -12.75 -15.20 8.12
CA SER A 244 -11.60 -14.30 8.01
C SER A 244 -10.26 -14.96 7.69
N PRO A 245 -9.90 -16.06 8.37
CA PRO A 245 -8.57 -16.65 8.18
C PRO A 245 -8.30 -16.97 6.71
N GLY A 246 -7.18 -16.47 6.18
CA GLY A 246 -6.77 -16.73 4.81
C GLY A 246 -7.57 -15.95 3.77
N ARG A 247 -8.53 -15.14 4.18
CA ARG A 247 -9.37 -14.45 3.19
C ARG A 247 -8.56 -13.36 2.47
N ASP A 248 -8.74 -13.25 1.14
CA ASP A 248 -8.08 -12.22 0.35
C ASP A 248 -8.75 -10.85 0.55
N TRP A 249 -7.98 -9.78 0.37
CA TRP A 249 -8.44 -8.46 0.77
C TRP A 249 -9.64 -8.06 -0.08
N ASN A 250 -9.66 -8.49 -1.36
CA ASN A 250 -10.67 -8.01 -2.28
C ASN A 250 -12.00 -8.71 -2.03
N VAL A 251 -11.96 -9.90 -1.41
CA VAL A 251 -13.17 -10.58 -0.93
C VAL A 251 -13.81 -9.76 0.19
N ALA A 252 -12.98 -9.28 1.11
CA ALA A 252 -13.42 -8.44 2.20
C ALA A 252 -14.02 -7.16 1.64
N THR A 253 -13.40 -6.52 0.65
CA THR A 253 -13.98 -5.30 0.10
C THR A 253 -15.38 -5.61 -0.48
N GLY A 254 -15.50 -6.73 -1.19
CA GLY A 254 -16.75 -7.20 -1.76
C GLY A 254 -17.87 -7.36 -0.74
N MET A 255 -17.48 -7.82 0.47
CA MET A 255 -18.43 -7.96 1.57
C MET A 255 -19.01 -6.59 1.96
N VAL A 256 -18.18 -5.56 2.01
CA VAL A 256 -18.66 -4.22 2.30
C VAL A 256 -19.52 -3.71 1.15
N MET A 257 -19.05 -3.93 -0.09
CA MET A 257 -19.77 -3.48 -1.28
C MET A 257 -21.19 -4.01 -1.27
N GLU A 258 -21.35 -5.28 -0.88
CA GLU A 258 -22.64 -5.94 -0.94
C GLU A 258 -23.46 -5.72 0.34
N GLY A 259 -22.89 -5.04 1.34
CA GLY A 259 -23.57 -4.79 2.60
C GLY A 259 -23.67 -6.03 3.48
N LYS A 260 -22.79 -7.02 3.26
CA LYS A 260 -22.65 -8.15 4.16
C LYS A 260 -21.77 -7.78 5.36
N ALA A 261 -21.08 -6.63 5.31
CA ALA A 261 -20.34 -6.09 6.44
C ALA A 261 -20.37 -4.57 6.37
N ALA A 262 -20.12 -3.92 7.49
CA ALA A 262 -20.23 -2.46 7.54
C ALA A 262 -18.95 -1.76 7.08
N PHE A 263 -17.81 -2.24 7.59
CA PHE A 263 -16.55 -1.54 7.46
C PHE A 263 -15.48 -2.44 6.88
N GLN A 264 -14.53 -1.79 6.21
CA GLN A 264 -13.21 -2.40 5.97
C GLN A 264 -12.13 -1.36 6.23
N ILE A 265 -11.05 -1.80 6.91
CA ILE A 265 -9.89 -0.97 7.14
C ILE A 265 -8.80 -1.44 6.17
N MET A 266 -8.48 -0.61 5.18
CA MET A 266 -7.65 -1.09 4.08
C MET A 266 -7.23 0.11 3.23
N GLY A 267 -6.07 -0.06 2.55
CA GLY A 267 -5.57 0.98 1.64
C GLY A 267 -6.51 1.23 0.46
N ASP A 268 -6.27 2.35 -0.25
CA ASP A 268 -7.23 2.84 -1.23
C ASP A 268 -7.16 2.07 -2.55
N TRP A 269 -6.42 0.94 -2.59
CA TRP A 269 -6.71 -0.04 -3.63
C TRP A 269 -8.13 -0.59 -3.48
N ALA A 270 -8.68 -0.57 -2.25
CA ALA A 270 -10.08 -0.91 -2.07
C ALA A 270 -10.97 -0.02 -2.93
N LYS A 271 -10.61 1.26 -3.12
CA LYS A 271 -11.42 2.18 -3.91
C LYS A 271 -11.42 1.79 -5.39
N GLY A 272 -10.39 1.08 -5.84
CA GLY A 272 -10.38 0.49 -7.18
C GLY A 272 -11.53 -0.50 -7.38
N GLU A 273 -11.87 -1.24 -6.33
CA GLU A 273 -12.99 -2.18 -6.38
C GLU A 273 -14.32 -1.43 -6.38
N PHE A 274 -14.49 -0.47 -5.45
CA PHE A 274 -15.70 0.32 -5.41
C PHE A 274 -15.97 0.97 -6.78
N ALA A 275 -14.95 1.60 -7.35
CA ALA A 275 -15.12 2.34 -8.60
C ALA A 275 -15.46 1.38 -9.73
N ALA A 276 -14.81 0.21 -9.74
CA ALA A 276 -14.97 -0.78 -10.81
C ALA A 276 -16.38 -1.38 -10.78
N ASN A 277 -17.04 -1.26 -9.63
CA ASN A 277 -18.41 -1.75 -9.49
C ASN A 277 -19.41 -0.60 -9.46
N ASN A 278 -19.04 0.55 -10.03
CA ASN A 278 -19.96 1.67 -10.16
C ASN A 278 -20.51 2.19 -8.83
N MET A 279 -19.76 2.10 -7.74
CA MET A 279 -20.22 2.70 -6.51
C MET A 279 -19.49 4.02 -6.31
N ALA A 280 -20.16 5.00 -5.69
CA ALA A 280 -19.62 6.33 -5.60
C ALA A 280 -19.55 6.79 -4.14
N PRO A 281 -18.46 7.48 -3.74
CA PRO A 281 -18.31 7.97 -2.38
C PRO A 281 -19.44 8.96 -2.11
N GLY A 282 -20.09 8.82 -0.95
CA GLY A 282 -21.19 9.68 -0.59
C GLY A 282 -22.57 9.13 -0.97
N LYS A 283 -22.63 8.12 -1.85
CA LYS A 283 -23.92 7.62 -2.31
C LYS A 283 -24.03 6.13 -2.05
N ASP A 284 -22.97 5.37 -2.33
CA ASP A 284 -23.01 3.95 -2.03
C ASP A 284 -22.04 3.60 -0.88
N TYR A 285 -20.97 4.38 -0.69
CA TYR A 285 -20.06 4.12 0.41
C TYR A 285 -19.49 5.45 0.94
N ILE A 286 -18.85 5.36 2.11
CA ILE A 286 -18.22 6.48 2.79
C ILE A 286 -16.76 6.09 2.97
N CYS A 287 -15.89 7.03 2.61
CA CYS A 287 -14.47 6.88 2.86
C CYS A 287 -14.08 7.91 3.90
N ALA A 288 -13.43 7.47 4.98
CA ALA A 288 -12.88 8.40 5.93
C ALA A 288 -11.57 7.83 6.46
N PRO A 289 -10.55 8.69 6.65
CA PRO A 289 -9.27 8.25 7.19
C PRO A 289 -9.52 7.58 8.53
N THR A 290 -8.66 6.62 8.86
CA THR A 290 -8.61 6.12 10.21
C THR A 290 -8.13 7.25 11.10
N PRO A 291 -8.48 7.21 12.39
CA PRO A 291 -8.07 8.28 13.31
C PRO A 291 -6.56 8.53 13.22
N SER A 292 -6.19 9.81 13.16
CA SER A 292 -4.80 10.21 13.33
C SER A 292 -4.74 11.70 13.60
N ASN A 293 -3.55 12.15 13.97
CA ASN A 293 -3.32 13.57 14.20
C ASN A 293 -2.63 14.14 12.96
N ASN A 294 -3.42 14.41 11.90
CA ASN A 294 -2.87 14.81 10.61
C ASN A 294 -1.80 13.83 10.13
N GLY A 295 -2.09 12.53 10.21
CA GLY A 295 -1.17 11.51 9.74
C GLY A 295 -1.57 11.05 8.33
N TYR A 296 -0.63 10.42 7.63
CA TYR A 296 -0.90 9.87 6.30
C TYR A 296 0.12 8.77 6.06
N LEU A 297 -0.33 7.54 5.75
CA LEU A 297 0.62 6.46 5.58
C LEU A 297 0.73 6.17 4.09
N TYR A 298 1.91 6.45 3.48
CA TYR A 298 2.03 6.41 2.03
C TYR A 298 2.67 5.12 1.55
N ASN A 299 2.36 4.79 0.28
CA ASN A 299 2.79 3.59 -0.39
C ASN A 299 2.93 3.91 -1.88
N VAL A 300 4.13 3.73 -2.43
CA VAL A 300 4.38 4.04 -3.84
C VAL A 300 4.62 2.75 -4.60
N ASP A 301 3.71 2.42 -5.52
CA ASP A 301 3.97 1.33 -6.44
C ASP A 301 5.02 1.82 -7.44
N SER A 302 6.13 1.08 -7.51
CA SER A 302 7.19 1.43 -8.43
C SER A 302 7.67 0.16 -9.13
N PHE A 303 8.35 0.38 -10.26
CA PHE A 303 8.92 -0.70 -11.03
C PHE A 303 10.41 -0.42 -11.15
N ILE A 304 11.23 -1.37 -10.68
CA ILE A 304 12.67 -1.36 -10.88
C ILE A 304 13.03 -2.02 -12.21
N PHE A 305 14.12 -1.57 -12.82
CA PHE A 305 14.56 -2.12 -14.10
C PHE A 305 15.90 -2.82 -13.88
N TYR A 306 15.94 -4.15 -14.11
CA TYR A 306 17.15 -4.92 -13.83
C TYR A 306 18.14 -4.88 -15.00
N LYS A 307 19.39 -5.19 -14.69
CA LYS A 307 20.38 -5.54 -15.70
C LYS A 307 19.84 -6.73 -16.48
N VAL A 308 19.69 -6.55 -17.79
CA VAL A 308 19.03 -7.51 -18.67
C VAL A 308 19.86 -7.61 -19.97
N LYS A 309 19.83 -8.72 -20.69
CA LYS A 309 20.63 -8.82 -21.90
C LYS A 309 19.75 -8.48 -23.11
N GLY A 310 20.22 -7.57 -23.96
CA GLY A 310 19.59 -7.31 -25.24
C GLY A 310 19.04 -5.89 -25.36
N LYS A 311 19.28 -5.28 -26.52
CA LYS A 311 18.95 -3.89 -26.79
C LYS A 311 17.44 -3.69 -26.84
N ASP A 312 16.70 -4.74 -27.27
CA ASP A 312 15.25 -4.69 -27.36
C ASP A 312 14.65 -4.60 -25.96
N LYS A 313 15.27 -5.28 -24.98
CA LYS A 313 14.80 -5.24 -23.61
C LYS A 313 15.15 -3.91 -22.97
N VAL A 314 16.30 -3.34 -23.34
CA VAL A 314 16.69 -2.05 -22.79
C VAL A 314 15.75 -0.97 -23.33
N GLU A 315 15.39 -1.06 -24.61
CA GLU A 315 14.44 -0.12 -25.20
C GLU A 315 13.06 -0.32 -24.55
N GLY A 316 12.70 -1.56 -24.22
CA GLY A 316 11.48 -1.83 -23.47
C GLY A 316 11.46 -1.12 -22.12
N GLN A 317 12.58 -1.18 -21.41
CA GLN A 317 12.67 -0.59 -20.09
C GLN A 317 12.53 0.93 -20.18
N LYS A 318 13.27 1.53 -21.14
CA LYS A 318 13.27 2.97 -21.29
C LYS A 318 11.88 3.46 -21.70
N LEU A 319 11.20 2.68 -22.55
CA LEU A 319 9.86 3.03 -22.97
C LEU A 319 8.86 2.95 -21.79
N LEU A 320 8.90 1.85 -21.03
CA LEU A 320 8.06 1.68 -19.83
C LEU A 320 8.26 2.83 -18.85
N ALA A 321 9.52 3.16 -18.56
CA ALA A 321 9.82 4.20 -17.59
C ALA A 321 9.14 5.49 -18.02
N SER A 322 9.26 5.83 -19.31
CA SER A 322 8.71 7.08 -19.80
C SER A 322 7.18 7.08 -19.71
N LEU A 323 6.57 5.97 -20.10
CA LEU A 323 5.13 5.86 -20.06
C LEU A 323 4.61 5.96 -18.63
N MET A 324 5.28 5.27 -17.69
CA MET A 324 4.84 5.17 -16.31
C MET A 324 4.81 6.56 -15.68
N MET A 325 5.68 7.45 -16.17
CA MET A 325 5.77 8.77 -15.62
C MET A 325 5.01 9.79 -16.47
N GLY A 326 4.23 9.32 -17.45
CA GLY A 326 3.50 10.25 -18.32
C GLY A 326 2.41 11.00 -17.56
N LYS A 327 2.11 12.22 -18.00
CA LYS A 327 1.18 13.07 -17.29
C LYS A 327 -0.25 12.54 -17.42
N ASN A 328 -0.69 12.30 -18.67
CA ASN A 328 -2.02 11.78 -18.89
C ASN A 328 -2.12 10.38 -18.28
N PHE A 329 -1.09 9.55 -18.48
CA PHE A 329 -1.10 8.19 -17.96
C PHE A 329 -1.45 8.16 -16.47
N GLN A 330 -0.77 8.99 -15.67
CA GLN A 330 -0.92 8.94 -14.24
C GLN A 330 -2.28 9.48 -13.81
N LYS A 331 -2.89 10.32 -14.63
CA LYS A 331 -4.25 10.77 -14.35
C LYS A 331 -5.17 9.56 -14.50
N VAL A 332 -5.08 8.87 -15.63
CA VAL A 332 -6.03 7.82 -15.97
C VAL A 332 -5.82 6.60 -15.09
N PHE A 333 -4.56 6.14 -14.98
CA PHE A 333 -4.19 4.97 -14.19
C PHE A 333 -4.73 5.07 -12.77
N ASN A 334 -4.55 6.25 -12.15
CA ASN A 334 -4.84 6.42 -10.75
C ASN A 334 -6.35 6.57 -10.51
N ILE A 335 -7.08 7.19 -11.44
CA ILE A 335 -8.53 7.23 -11.37
C ILE A 335 -9.08 5.82 -11.22
N TYR A 336 -8.56 4.84 -11.99
CA TYR A 336 -8.95 3.44 -11.88
C TYR A 336 -8.36 2.73 -10.66
N LYS A 337 -7.10 3.03 -10.35
CA LYS A 337 -6.38 2.26 -9.33
C LYS A 337 -6.92 2.54 -7.93
N GLY A 338 -7.33 3.80 -7.68
CA GLY A 338 -7.82 4.24 -6.38
C GLY A 338 -6.80 5.09 -5.63
N SER A 339 -5.57 5.14 -6.13
CA SER A 339 -4.49 5.96 -5.60
C SER A 339 -4.51 7.36 -6.24
N ILE A 340 -3.52 8.20 -5.90
CA ILE A 340 -3.34 9.49 -6.53
C ILE A 340 -2.02 9.48 -7.27
N PRO A 341 -1.80 10.39 -8.23
CA PRO A 341 -0.55 10.41 -8.98
C PRO A 341 0.71 10.62 -8.12
N ALA A 342 1.83 10.00 -8.50
CA ALA A 342 3.12 10.40 -7.94
C ALA A 342 3.58 11.74 -8.54
N ARG A 343 3.27 11.95 -9.83
CA ARG A 343 3.62 13.18 -10.54
C ARG A 343 2.93 14.40 -9.96
N LEU A 344 3.74 15.40 -9.56
CA LEU A 344 3.29 16.54 -8.78
C LEU A 344 2.43 17.50 -9.60
N ASP A 345 2.38 17.38 -10.94
CA ASP A 345 1.74 18.41 -11.76
C ASP A 345 0.49 17.88 -12.47
N VAL A 346 -0.05 16.74 -12.02
CA VAL A 346 -1.23 16.15 -12.65
C VAL A 346 -2.48 16.75 -12.01
N SER A 347 -3.43 17.17 -12.86
CA SER A 347 -4.72 17.71 -12.45
C SER A 347 -5.54 16.67 -11.67
N MET A 348 -5.81 16.97 -10.38
CA MET A 348 -6.67 16.14 -9.53
C MET A 348 -8.15 16.36 -9.83
N ASP A 349 -8.48 17.18 -10.83
CA ASP A 349 -9.83 17.73 -10.95
C ASP A 349 -10.88 16.66 -11.26
N GLU A 350 -10.52 15.63 -12.03
CA GLU A 350 -11.45 14.58 -12.44
C GLU A 350 -11.50 13.44 -11.41
N PHE A 351 -10.72 13.54 -10.32
CA PHE A 351 -10.69 12.48 -9.32
C PHE A 351 -11.86 12.60 -8.36
N ASP A 352 -12.17 11.53 -7.63
CA ASP A 352 -13.30 11.51 -6.73
C ASP A 352 -12.93 12.13 -5.38
N MET A 353 -13.94 12.22 -4.50
CA MET A 353 -13.82 12.94 -3.24
C MET A 353 -12.75 12.27 -2.38
N CYS A 354 -12.61 10.96 -2.50
CA CYS A 354 -11.68 10.26 -1.62
C CYS A 354 -10.23 10.52 -2.05
N ALA A 355 -10.00 10.53 -3.36
CA ALA A 355 -8.67 10.80 -3.89
C ALA A 355 -8.25 12.25 -3.59
N LYS A 356 -9.20 13.20 -3.62
CA LYS A 356 -8.89 14.60 -3.35
C LYS A 356 -8.55 14.80 -1.89
N LYS A 357 -9.26 14.07 -1.01
CA LYS A 357 -9.01 14.08 0.42
C LYS A 357 -7.60 13.52 0.63
N SER A 358 -7.23 12.52 -0.18
CA SER A 358 -5.93 11.87 -0.07
C SER A 358 -4.84 12.89 -0.42
N ASN A 359 -5.04 13.57 -1.55
CA ASN A 359 -4.11 14.58 -2.03
C ASN A 359 -3.97 15.71 -1.01
N ALA A 360 -5.12 16.18 -0.51
CA ALA A 360 -5.14 17.28 0.44
C ALA A 360 -4.43 16.89 1.73
N ASP A 361 -4.73 15.68 2.24
CA ASP A 361 -4.19 15.20 3.50
C ASP A 361 -2.70 14.96 3.35
N LEU A 362 -2.28 14.58 2.14
CA LEU A 362 -0.88 14.41 1.86
C LEU A 362 -0.14 15.73 2.07
N LYS A 363 -0.70 16.82 1.52
CA LYS A 363 -0.10 18.14 1.66
C LYS A 363 -0.15 18.54 3.14
N THR A 364 -1.30 18.32 3.80
CA THR A 364 -1.48 18.70 5.20
C THR A 364 -0.55 17.91 6.13
N ALA A 365 -0.48 16.58 5.93
CA ALA A 365 0.36 15.74 6.76
C ALA A 365 1.83 16.10 6.56
N GLY A 366 2.22 16.41 5.32
CA GLY A 366 3.59 16.82 4.99
C GLY A 366 4.14 17.87 5.95
N SER A 367 3.36 18.92 6.19
CA SER A 367 3.82 20.10 6.92
C SER A 367 3.85 19.87 8.43
N LYS A 368 3.09 18.87 8.91
CA LYS A 368 2.92 18.65 10.35
C LYS A 368 3.76 17.49 10.83
N GLY A 369 4.53 16.87 9.92
CA GLY A 369 5.33 15.73 10.27
C GLY A 369 4.49 14.46 10.41
N GLY A 370 3.32 14.43 9.76
CA GLY A 370 2.41 13.29 9.81
C GLY A 370 2.49 12.41 8.56
N LEU A 371 3.27 12.83 7.56
CA LEU A 371 3.39 12.06 6.33
C LEU A 371 4.46 10.99 6.50
N LEU A 372 4.03 9.72 6.58
CA LEU A 372 4.89 8.64 7.04
C LEU A 372 4.80 7.42 6.12
N PRO A 373 5.91 6.68 5.96
CA PRO A 373 5.92 5.50 5.10
C PRO A 373 5.18 4.32 5.74
N SER A 374 4.29 3.71 4.95
CA SER A 374 3.74 2.42 5.34
C SER A 374 4.89 1.43 5.49
N PHE A 375 4.89 0.65 6.58
CA PHE A 375 5.80 -0.48 6.68
C PHE A 375 5.18 -1.74 6.08
N ALA A 376 3.87 -1.91 6.23
CA ALA A 376 3.23 -3.12 5.75
C ALA A 376 3.24 -3.20 4.21
N HIS A 377 3.44 -2.06 3.56
CA HIS A 377 3.46 -1.97 2.10
C HIS A 377 4.82 -1.55 1.59
N GLY A 378 5.87 -1.79 2.41
CA GLY A 378 7.22 -1.84 1.88
C GLY A 378 7.96 -0.52 1.78
N MET A 379 7.42 0.61 2.29
CA MET A 379 8.09 1.89 2.13
C MET A 379 9.02 2.23 3.30
N ALA A 380 8.74 1.70 4.50
CA ALA A 380 9.46 2.14 5.71
C ALA A 380 10.72 1.30 5.92
N LEU A 381 10.64 0.01 5.58
CA LEU A 381 11.56 -0.97 6.10
C LEU A 381 11.88 -2.00 5.01
N ARG A 382 13.05 -2.61 5.11
CA ARG A 382 13.37 -3.77 4.30
C ARG A 382 12.43 -4.92 4.68
N LEU A 383 12.42 -5.91 3.80
CA LEU A 383 11.47 -6.99 3.90
C LEU A 383 11.74 -7.80 5.17
N ALA A 384 13.01 -7.94 5.56
CA ALA A 384 13.32 -8.64 6.80
C ALA A 384 12.62 -7.99 7.99
N GLN A 385 12.64 -6.65 8.11
CA GLN A 385 12.03 -5.97 9.25
C GLN A 385 10.52 -6.02 9.14
N LYS A 386 9.99 -5.83 7.92
CA LYS A 386 8.55 -5.97 7.64
C LYS A 386 8.05 -7.35 8.05
N GLY A 387 8.77 -8.41 7.61
CA GLY A 387 8.46 -9.79 7.96
C GLY A 387 8.42 -10.03 9.46
N ALA A 388 9.44 -9.56 10.18
CA ALA A 388 9.52 -9.74 11.62
C ALA A 388 8.30 -9.15 12.33
N ILE A 389 7.88 -7.95 11.93
CA ILE A 389 6.76 -7.25 12.55
C ILE A 389 5.44 -7.95 12.23
N GLN A 390 5.20 -8.21 10.93
CA GLN A 390 3.98 -8.84 10.45
C GLN A 390 3.73 -10.16 11.18
N ASP A 391 4.80 -10.92 11.39
CA ASP A 391 4.69 -12.24 12.01
C ASP A 391 4.21 -12.14 13.47
N VAL A 392 4.69 -11.15 14.22
CA VAL A 392 4.21 -10.97 15.58
C VAL A 392 2.78 -10.44 15.57
N VAL A 393 2.50 -9.48 14.69
CA VAL A 393 1.19 -8.88 14.64
C VAL A 393 0.14 -9.97 14.37
N THR A 394 0.43 -10.85 13.40
CA THR A 394 -0.54 -11.85 12.99
C THR A 394 -0.71 -12.89 14.10
N GLU A 395 0.38 -13.18 14.83
CA GLU A 395 0.29 -14.11 15.93
C GLU A 395 -0.60 -13.56 17.06
N HIS A 396 -0.46 -12.26 17.40
CA HIS A 396 -1.32 -11.68 18.42
C HIS A 396 -2.78 -11.76 17.97
N PHE A 397 -3.00 -11.42 16.70
CA PHE A 397 -4.34 -11.18 16.19
C PHE A 397 -5.14 -12.48 16.25
N ASN A 398 -4.46 -13.59 15.93
CA ASN A 398 -5.05 -14.91 15.79
C ASN A 398 -4.86 -15.78 17.03
N SER A 399 -4.63 -15.20 18.20
CA SER A 399 -4.44 -15.98 19.43
C SER A 399 -5.08 -15.20 20.57
N ASN A 400 -4.86 -15.64 21.82
CA ASN A 400 -5.33 -14.90 22.97
C ASN A 400 -4.17 -14.20 23.68
N MET A 401 -3.08 -13.93 22.95
CA MET A 401 -1.91 -13.27 23.52
C MET A 401 -2.30 -11.92 24.13
N SER A 402 -1.75 -11.65 25.34
CA SER A 402 -1.90 -10.34 25.96
C SER A 402 -1.24 -9.27 25.07
N SER A 403 -1.68 -8.02 25.26
CA SER A 403 -1.12 -6.89 24.54
C SER A 403 0.32 -6.62 24.97
N SER A 404 0.58 -6.80 26.28
CA SER A 404 1.92 -6.61 26.84
C SER A 404 2.90 -7.59 26.20
N ASP A 405 2.50 -8.87 26.20
CA ASP A 405 3.35 -9.89 25.64
C ASP A 405 3.63 -9.58 24.16
N ALA A 406 2.60 -9.11 23.41
CA ALA A 406 2.74 -8.86 22.00
C ALA A 406 3.81 -7.79 21.79
N ALA A 407 3.72 -6.72 22.58
CA ALA A 407 4.64 -5.60 22.43
C ALA A 407 6.06 -6.04 22.77
N LYS A 408 6.22 -6.83 23.84
CA LYS A 408 7.51 -7.37 24.21
C LYS A 408 8.06 -8.21 23.04
N LYS A 409 7.21 -9.05 22.43
CA LYS A 409 7.62 -9.93 21.35
C LYS A 409 8.00 -9.10 20.13
N LEU A 410 7.21 -8.06 19.87
CA LEU A 410 7.46 -7.15 18.75
C LEU A 410 8.86 -6.53 18.86
N ALA A 411 9.14 -5.88 20.00
CA ALA A 411 10.43 -5.24 20.21
C ALA A 411 11.57 -6.23 20.00
N ALA A 412 11.43 -7.44 20.57
CA ALA A 412 12.49 -8.44 20.50
C ALA A 412 12.69 -8.95 19.08
N ALA A 413 11.61 -9.16 18.32
CA ALA A 413 11.72 -9.69 16.96
C ALA A 413 12.38 -8.68 16.02
N VAL A 414 12.06 -7.38 16.21
CA VAL A 414 12.68 -6.29 15.46
C VAL A 414 14.15 -6.24 15.83
N LYS A 415 14.45 -6.25 17.14
CA LYS A 415 15.82 -6.16 17.58
C LYS A 415 16.67 -7.27 16.99
N ALA A 416 16.16 -8.50 17.06
CA ALA A 416 16.84 -9.68 16.53
C ALA A 416 16.99 -9.60 15.00
N SER A 417 16.07 -8.89 14.33
CA SER A 417 16.14 -8.72 12.87
C SER A 417 17.17 -7.67 12.44
N LEU A 418 17.78 -6.93 13.36
CA LEU A 418 18.70 -5.88 12.96
C LEU A 418 20.13 -6.47 12.85
#